data_7REG
#
_entry.id   7REG
#
_cell.length_a   71.860
_cell.length_b   71.860
_cell.length_c   119.781
_cell.angle_alpha   90.000
_cell.angle_beta   90.000
_cell.angle_gamma   120.000
#
_symmetry.space_group_name_H-M   'P 31 2 1'
#
loop_
_entity.id
_entity.type
_entity.pdbx_description
1 polymer 'Dihydrofolate reductase type 1'
2 non-polymer "4'-chloro-3'-[(2S)-4-(2,4-diamino-6-ethylpyrimidin-5-yl)but-3-yn-2-yl][1,1'-biphenyl]-4-carboxamide"
3 non-polymer 'NADP NICOTINAMIDE-ADENINE-DINUCLEOTIDE PHOSPHATE'
4 non-polymer 'CALCIUM ION'
5 water water
#
_entity_poly.entity_id   1
_entity_poly.type   'polypeptide(L)'
_entity_poly.pdbx_seq_one_letter_code
;MKLSLMVAISKNGVIGNGPDIPWSAKGEQLLFKAITYNQWLLVGRKTFESMGALPNRKYAVVTRSSFTSDNENVLIFPSI
KDALTNLKKITDHVIVSGGGEIYKSLIDQVDTLHISTIDIEPEGDVYFPEIPSNFRPVFTQDFASNINYSYQIWQKG
;
_entity_poly.pdbx_strand_id   A,B
#
# COMPACT_ATOMS: atom_id res chain seq x y z
N MET A 1 -16.32 10.73 -10.49
CA MET A 1 -14.92 10.39 -10.36
C MET A 1 -14.56 10.58 -8.88
N LYS A 2 -13.72 9.70 -8.36
CA LYS A 2 -13.32 9.75 -6.96
C LYS A 2 -11.95 10.40 -6.87
N LEU A 3 -11.72 11.17 -5.81
CA LEU A 3 -10.44 11.81 -5.56
C LEU A 3 -9.82 11.21 -4.31
N SER A 4 -8.58 10.72 -4.42
CA SER A 4 -7.81 10.39 -3.24
C SER A 4 -6.76 11.47 -3.02
N LEU A 5 -6.09 11.38 -1.88
CA LEU A 5 -5.01 12.29 -1.54
C LEU A 5 -3.94 11.47 -0.82
N MET A 6 -2.68 11.65 -1.20
CA MET A 6 -1.58 10.93 -0.57
C MET A 6 -0.52 11.94 -0.14
N VAL A 7 -0.06 11.83 1.11
CA VAL A 7 0.92 12.77 1.68
C VAL A 7 1.70 12.06 2.79
N ALA A 8 2.93 12.51 3.01
CA ALA A 8 3.73 12.11 4.16
C ALA A 8 3.97 13.37 5.00
N ILE A 9 3.55 13.34 6.25
CA ILE A 9 3.60 14.50 7.14
C ILE A 9 4.54 14.18 8.29
N SER A 10 5.47 15.09 8.57
CA SER A 10 6.35 14.87 9.72
C SER A 10 5.63 15.18 11.04
N LYS A 11 6.30 14.84 12.15
CA LYS A 11 5.67 14.91 13.46
C LYS A 11 5.30 16.34 13.86
N ASN A 12 5.99 17.36 13.35
CA ASN A 12 5.65 18.74 13.67
C ASN A 12 4.84 19.44 12.57
N GLY A 13 4.32 18.70 11.59
CA GLY A 13 3.44 19.28 10.59
C GLY A 13 4.12 19.72 9.30
N VAL A 14 5.45 19.68 9.24
CA VAL A 14 6.16 20.06 8.01
C VAL A 14 6.02 18.97 6.96
N ILE A 15 5.68 19.35 5.72
CA ILE A 15 5.75 18.41 4.59
C ILE A 15 6.84 18.75 3.59
N GLY A 16 7.43 19.94 3.65
CA GLY A 16 8.46 20.29 2.70
C GLY A 16 9.32 21.43 3.20
N ASN A 17 10.47 21.60 2.55
CA ASN A 17 11.42 22.66 2.88
C ASN A 17 11.92 23.17 1.54
N GLY A 18 11.42 24.33 1.11
CA GLY A 18 11.62 24.76 -0.26
C GLY A 18 11.15 23.70 -1.22
N PRO A 19 12.03 23.24 -2.11
CA PRO A 19 11.64 22.23 -3.10
C PRO A 19 11.78 20.79 -2.64
N ASP A 20 12.30 20.56 -1.43
CA ASP A 20 12.67 19.23 -0.99
C ASP A 20 11.74 18.75 0.10
N ILE A 21 11.62 17.43 0.23
CA ILE A 21 11.02 16.81 1.41
C ILE A 21 12.15 16.55 2.40
N PRO A 22 12.11 17.12 3.61
CA PRO A 22 13.30 17.15 4.49
C PRO A 22 13.47 15.90 5.35
N TRP A 23 13.37 14.73 4.74
CA TRP A 23 13.66 13.46 5.41
C TRP A 23 13.78 12.38 4.35
N SER A 24 14.32 11.25 4.77
CA SER A 24 14.38 10.04 3.96
C SER A 24 14.04 8.88 4.89
N ALA A 25 12.80 8.41 4.84
CA ALA A 25 12.32 7.33 5.71
C ALA A 25 12.29 6.07 4.86
N LYS A 26 13.31 5.21 5.03
CA LYS A 26 13.44 4.06 4.15
C LYS A 26 12.21 3.17 4.27
N GLY A 27 11.64 2.80 3.12
CA GLY A 27 10.45 2.00 3.05
C GLY A 27 9.19 2.79 2.76
N GLU A 28 9.10 4.04 3.22
CA GLU A 28 7.85 4.77 3.08
C GLU A 28 7.52 5.04 1.63
N GLN A 29 8.54 5.28 0.79
CA GLN A 29 8.31 5.54 -0.62
C GLN A 29 7.64 4.34 -1.31
N LEU A 30 7.80 3.14 -0.76
CA LEU A 30 7.10 1.97 -1.31
C LEU A 30 5.59 2.16 -1.26
N LEU A 31 5.07 2.77 -0.19
CA LEU A 31 3.63 3.03 -0.13
C LEU A 31 3.20 3.94 -1.26
N PHE A 32 3.94 5.03 -1.44
CA PHE A 32 3.65 5.97 -2.51
C PHE A 32 3.71 5.30 -3.88
N LYS A 33 4.77 4.53 -4.15
CA LYS A 33 4.87 3.83 -5.44
C LYS A 33 3.71 2.88 -5.64
N ALA A 34 3.35 2.12 -4.61
CA ALA A 34 2.30 1.11 -4.75
C ALA A 34 0.95 1.74 -5.03
N ILE A 35 0.59 2.79 -4.29
CA ILE A 35 -0.75 3.35 -4.40
C ILE A 35 -0.88 4.17 -5.69
N THR A 36 0.23 4.72 -6.20
CA THR A 36 0.13 5.57 -7.39
C THR A 36 0.38 4.81 -8.69
N TYR A 37 0.64 3.51 -8.63
CA TYR A 37 1.02 2.76 -9.84
C TYR A 37 -0.06 2.83 -10.92
N ASN A 38 0.31 3.33 -12.10
CA ASN A 38 -0.63 3.52 -13.23
C ASN A 38 -1.86 4.36 -12.84
N GLN A 39 -1.68 5.30 -11.92
CA GLN A 39 -2.76 6.22 -11.58
C GLN A 39 -2.49 7.60 -12.14
N TRP A 40 -3.56 8.39 -12.22
CA TRP A 40 -3.50 9.81 -12.51
C TRP A 40 -3.18 10.57 -11.23
N LEU A 41 -2.12 11.37 -11.26
CA LEU A 41 -1.70 12.19 -10.13
C LEU A 41 -1.93 13.65 -10.48
N LEU A 42 -2.66 14.35 -9.62
N LEU A 42 -2.66 14.37 -9.63
CA LEU A 42 -2.83 15.80 -9.74
CA LEU A 42 -2.82 15.81 -9.78
C LEU A 42 -1.78 16.47 -8.87
C LEU A 42 -1.80 16.49 -8.89
N VAL A 43 -0.92 17.30 -9.48
CA VAL A 43 0.18 17.93 -8.75
C VAL A 43 0.35 19.38 -9.17
N GLY A 44 0.79 20.19 -8.22
CA GLY A 44 1.19 21.55 -8.54
C GLY A 44 2.49 21.59 -9.31
N ARG A 45 2.71 22.72 -9.99
CA ARG A 45 3.86 22.85 -10.87
C ARG A 45 5.17 22.67 -10.09
N LYS A 46 5.25 23.21 -8.86
CA LYS A 46 6.51 23.14 -8.11
C LYS A 46 6.83 21.71 -7.74
N THR A 47 5.82 20.97 -7.27
CA THR A 47 6.03 19.57 -6.93
C THR A 47 6.42 18.77 -8.17
N PHE A 48 5.78 19.05 -9.30
CA PHE A 48 6.13 18.32 -10.51
C PHE A 48 7.59 18.56 -10.90
N GLU A 49 8.06 19.80 -10.76
CA GLU A 49 9.47 20.09 -11.03
C GLU A 49 10.41 19.37 -10.08
N SER A 50 10.02 19.18 -8.81
CA SER A 50 10.90 18.48 -7.88
C SER A 50 10.90 16.97 -8.09
N MET A 51 9.76 16.39 -8.45
CA MET A 51 9.68 14.93 -8.57
C MET A 51 10.02 14.44 -9.98
N GLY A 52 9.64 15.18 -11.01
CA GLY A 52 9.80 14.72 -12.37
C GLY A 52 8.75 13.69 -12.77
N ALA A 53 8.75 13.34 -14.04
CA ALA A 53 7.77 12.41 -14.61
C ALA A 53 8.26 10.98 -14.41
N LEU A 54 7.99 10.43 -13.22
CA LEU A 54 8.42 9.07 -12.92
C LEU A 54 7.63 8.05 -13.74
N PRO A 55 8.28 6.94 -14.13
CA PRO A 55 7.62 5.97 -15.01
C PRO A 55 6.36 5.38 -14.38
N ASN A 56 5.44 4.94 -15.24
CA ASN A 56 4.23 4.22 -14.84
C ASN A 56 3.27 5.08 -14.02
N ARG A 57 3.32 6.39 -14.16
CA ARG A 57 2.32 7.28 -13.60
C ARG A 57 1.88 8.23 -14.70
N LYS A 58 0.72 8.83 -14.51
CA LYS A 58 0.19 9.86 -15.42
C LYS A 58 -0.01 11.12 -14.59
N TYR A 59 0.33 12.28 -15.15
CA TYR A 59 0.38 13.51 -14.37
C TYR A 59 -0.57 14.55 -14.95
N ALA A 60 -1.39 15.14 -14.08
CA ALA A 60 -2.14 16.36 -14.40
C ALA A 60 -1.48 17.47 -13.60
N VAL A 61 -0.75 18.34 -14.27
CA VAL A 61 0.02 19.39 -13.63
C VAL A 61 -0.72 20.70 -13.80
N VAL A 62 -0.86 21.48 -12.74
CA VAL A 62 -1.55 22.77 -12.83
C VAL A 62 -0.52 23.88 -12.74
N THR A 63 -0.65 24.86 -13.63
CA THR A 63 0.24 26.02 -13.63
C THR A 63 -0.54 27.21 -14.16
N ARG A 64 -0.18 28.39 -13.68
CA ARG A 64 -0.70 29.63 -14.20
C ARG A 64 0.25 30.27 -15.21
N SER A 65 1.41 29.67 -15.45
CA SER A 65 2.40 30.21 -16.38
C SER A 65 2.35 29.50 -17.74
N PHE A 67 4.54 27.19 -18.36
CA PHE A 67 5.27 25.94 -18.10
C PHE A 67 4.72 24.85 -18.98
N THR A 68 5.59 24.06 -19.61
CA THR A 68 5.17 22.99 -20.51
C THR A 68 5.96 21.73 -20.24
N SER A 69 5.51 20.63 -20.85
CA SER A 69 6.19 19.34 -20.84
C SER A 69 5.85 18.59 -22.10
N ASP A 70 6.86 18.02 -22.75
CA ASP A 70 6.66 17.18 -23.93
C ASP A 70 6.51 15.72 -23.59
N ASN A 71 6.51 15.36 -22.30
CA ASN A 71 6.32 13.98 -21.89
C ASN A 71 4.89 13.55 -22.20
N GLU A 72 4.73 12.41 -22.91
CA GLU A 72 3.39 12.02 -23.31
C GLU A 72 2.52 11.60 -22.15
N ASN A 73 3.10 11.37 -20.97
CA ASN A 73 2.32 11.00 -19.79
C ASN A 73 2.03 12.18 -18.88
N VAL A 74 2.30 13.40 -19.34
CA VAL A 74 2.12 14.62 -18.55
C VAL A 74 1.15 15.54 -19.29
N LEU A 75 0.08 15.95 -18.60
CA LEU A 75 -0.84 16.96 -19.10
C LEU A 75 -0.68 18.23 -18.28
N ILE A 76 -0.61 19.38 -18.97
CA ILE A 76 -0.50 20.69 -18.32
C ILE A 76 -1.85 21.41 -18.42
N PHE A 77 -2.42 21.77 -17.27
CA PHE A 77 -3.69 22.47 -17.24
C PHE A 77 -3.54 23.86 -16.65
N PRO A 78 -4.37 24.82 -17.08
CA PRO A 78 -4.26 26.19 -16.55
C PRO A 78 -4.98 26.41 -15.23
N SER A 79 -5.73 25.43 -14.74
CA SER A 79 -6.42 25.58 -13.46
C SER A 79 -6.73 24.20 -12.91
N ILE A 80 -6.90 24.13 -11.58
CA ILE A 80 -7.38 22.89 -10.98
C ILE A 80 -8.77 22.54 -11.50
N LYS A 81 -9.63 23.56 -11.66
CA LYS A 81 -10.97 23.33 -12.19
C LYS A 81 -10.90 22.67 -13.56
N ASP A 82 -10.04 23.16 -14.44
CA ASP A 82 -9.92 22.58 -15.77
C ASP A 82 -9.31 21.18 -15.72
N ALA A 83 -8.33 20.97 -14.83
CA ALA A 83 -7.76 19.64 -14.67
C ALA A 83 -8.84 18.63 -14.31
N LEU A 84 -9.69 18.98 -13.34
CA LEU A 84 -10.71 18.04 -12.88
C LEU A 84 -11.79 17.81 -13.93
N THR A 85 -12.22 18.88 -14.61
CA THR A 85 -13.21 18.75 -15.68
C THR A 85 -12.75 17.79 -16.76
N ASN A 86 -11.47 17.87 -17.12
CA ASN A 86 -10.95 17.03 -18.19
C ASN A 86 -10.63 15.61 -17.70
N LEU A 87 -10.11 15.48 -16.49
CA LEU A 87 -9.81 14.14 -15.99
C LEU A 87 -11.08 13.30 -15.89
N LYS A 88 -12.21 13.90 -15.50
CA LYS A 88 -13.41 13.07 -15.40
C LYS A 88 -13.83 12.52 -16.76
N LYS A 89 -13.35 13.10 -17.86
CA LYS A 89 -13.65 12.51 -19.16
C LYS A 89 -12.89 11.21 -19.42
N ILE A 90 -11.78 10.96 -18.71
CA ILE A 90 -11.01 9.76 -19.05
C ILE A 90 -10.71 8.82 -17.88
N THR A 91 -10.97 9.24 -16.64
CA THR A 91 -10.70 8.33 -15.52
C THR A 91 -11.74 8.50 -14.44
N ASP A 92 -11.87 7.47 -13.60
CA ASP A 92 -12.76 7.49 -12.46
C ASP A 92 -12.01 7.72 -11.15
N HIS A 93 -10.71 7.96 -11.20
CA HIS A 93 -9.94 8.11 -9.97
C HIS A 93 -8.73 9.01 -10.21
N VAL A 94 -8.57 10.03 -9.38
CA VAL A 94 -7.38 10.88 -9.41
C VAL A 94 -6.80 10.94 -8.01
N ILE A 95 -5.46 10.91 -7.91
CA ILE A 95 -4.76 11.01 -6.63
C ILE A 95 -4.09 12.38 -6.53
N VAL A 96 -4.55 13.18 -5.57
CA VAL A 96 -3.94 14.46 -5.28
C VAL A 96 -2.62 14.22 -4.55
N SER A 97 -1.51 14.68 -5.16
CA SER A 97 -0.19 14.29 -4.70
C SER A 97 0.71 15.48 -4.38
N GLY A 98 0.13 16.65 -4.12
CA GLY A 98 0.86 17.78 -3.57
C GLY A 98 1.11 18.87 -4.62
N GLY A 99 1.75 19.95 -4.17
CA GLY A 99 2.25 20.11 -2.81
C GLY A 99 1.31 20.88 -1.91
N GLY A 100 1.88 21.75 -1.05
CA GLY A 100 1.07 22.40 -0.03
C GLY A 100 -0.12 23.17 -0.60
N GLU A 101 0.13 23.95 -1.65
CA GLU A 101 -0.97 24.72 -2.27
C GLU A 101 -2.05 23.81 -2.82
N ILE A 102 -1.65 22.71 -3.46
CA ILE A 102 -2.65 21.85 -4.09
C ILE A 102 -3.43 21.10 -3.03
N TYR A 103 -2.75 20.67 -1.96
CA TYR A 103 -3.45 20.02 -0.85
C TYR A 103 -4.47 20.97 -0.22
N LYS A 104 -4.05 22.22 0.00
CA LYS A 104 -4.94 23.20 0.60
C LYS A 104 -6.17 23.43 -0.27
N SER A 105 -5.99 23.46 -1.59
N SER A 105 -5.99 23.47 -1.59
CA SER A 105 -7.10 23.76 -2.47
CA SER A 105 -7.12 23.75 -2.46
C SER A 105 -8.06 22.59 -2.65
C SER A 105 -8.10 22.58 -2.50
N LEU A 106 -7.59 21.35 -2.46
CA LEU A 106 -8.41 20.18 -2.75
C LEU A 106 -8.87 19.37 -1.54
N ILE A 107 -8.33 19.61 -0.34
CA ILE A 107 -8.66 18.76 0.81
C ILE A 107 -10.17 18.62 1.02
N ASP A 108 -10.93 19.68 0.76
N ASP A 108 -10.93 19.69 0.73
CA ASP A 108 -12.36 19.59 1.01
CA ASP A 108 -12.36 19.71 0.93
C ASP A 108 -13.11 18.83 -0.08
C ASP A 108 -13.12 18.93 -0.13
N GLN A 109 -12.43 18.41 -1.15
CA GLN A 109 -13.07 17.72 -2.24
C GLN A 109 -12.68 16.25 -2.33
N VAL A 110 -11.72 15.80 -1.54
CA VAL A 110 -11.22 14.45 -1.69
C VAL A 110 -12.03 13.50 -0.84
N ASP A 111 -12.03 12.23 -1.24
CA ASP A 111 -12.84 11.20 -0.61
C ASP A 111 -12.02 10.26 0.28
N THR A 112 -10.74 10.08 -0.02
CA THR A 112 -9.92 9.12 0.71
C THR A 112 -8.55 9.76 0.95
N LEU A 113 -8.05 9.69 2.19
CA LEU A 113 -6.73 10.21 2.54
C LEU A 113 -5.77 9.06 2.82
N HIS A 114 -4.56 9.16 2.25
CA HIS A 114 -3.46 8.25 2.57
C HIS A 114 -2.43 9.11 3.28
N ILE A 115 -2.26 8.94 4.59
CA ILE A 115 -1.37 9.81 5.36
C ILE A 115 -0.31 8.95 6.04
N SER A 116 0.96 9.21 5.74
CA SER A 116 2.08 8.58 6.41
C SER A 116 2.67 9.60 7.39
N THR A 117 2.62 9.29 8.69
CA THR A 117 3.17 10.17 9.70
C THR A 117 4.61 9.77 9.97
N ILE A 118 5.54 10.69 9.75
CA ILE A 118 6.97 10.39 9.74
C ILE A 118 7.56 10.87 11.06
N ASP A 119 8.30 10.00 11.75
CA ASP A 119 8.78 10.30 13.11
C ASP A 119 10.07 11.12 13.06
N ILE A 120 9.92 12.39 12.68
CA ILE A 120 11.02 13.33 12.59
C ILE A 120 10.44 14.72 12.77
N GLU A 121 11.26 15.65 13.28
CA GLU A 121 10.82 17.02 13.54
C GLU A 121 11.76 17.94 12.77
N PRO A 122 11.53 18.10 11.47
CA PRO A 122 12.51 18.78 10.61
C PRO A 122 12.21 20.27 10.51
N GLU A 123 13.16 20.97 9.89
CA GLU A 123 12.92 22.35 9.47
C GLU A 123 12.16 22.35 8.16
N GLY A 124 11.31 23.36 7.98
CA GLY A 124 10.69 23.51 6.68
C GLY A 124 9.68 24.64 6.67
N ASP A 125 8.97 24.73 5.55
CA ASP A 125 8.12 25.89 5.30
C ASP A 125 6.94 25.55 4.38
N VAL A 126 6.57 24.28 4.29
CA VAL A 126 5.40 23.81 3.58
C VAL A 126 4.66 22.91 4.54
N TYR A 127 3.34 23.07 4.61
CA TYR A 127 2.51 22.44 5.62
C TYR A 127 1.32 21.75 4.96
N PHE A 128 0.46 21.18 5.80
CA PHE A 128 -0.70 20.41 5.35
C PHE A 128 -1.95 20.90 6.08
N PRO A 129 -3.11 20.96 5.41
CA PRO A 129 -4.30 21.50 6.08
C PRO A 129 -4.84 20.57 7.16
N GLU A 130 -5.69 21.13 8.02
CA GLU A 130 -6.41 20.29 9.00
C GLU A 130 -7.27 19.26 8.27
N ILE A 131 -7.31 18.05 8.82
CA ILE A 131 -8.18 17.00 8.25
C ILE A 131 -9.63 17.38 8.51
N PRO A 132 -10.47 17.48 7.47
CA PRO A 132 -11.88 17.82 7.69
C PRO A 132 -12.55 16.87 8.68
N SER A 133 -13.49 17.41 9.46
CA SER A 133 -14.01 16.62 10.56
C SER A 133 -14.87 15.44 10.12
N ASN A 134 -15.28 15.35 8.84
CA ASN A 134 -16.05 14.18 8.43
C ASN A 134 -15.18 12.98 8.04
N PHE A 135 -13.86 13.05 8.16
CA PHE A 135 -12.99 11.91 7.88
C PHE A 135 -12.79 11.05 9.12
N ARG A 136 -12.75 9.74 8.92
CA ARG A 136 -12.52 8.73 9.93
C ARG A 136 -11.41 7.79 9.47
N PRO A 137 -10.48 7.43 10.37
CA PRO A 137 -9.45 6.45 9.99
C PRO A 137 -10.04 5.05 9.93
N VAL A 138 -9.71 4.32 8.86
CA VAL A 138 -10.23 2.97 8.70
C VAL A 138 -9.14 1.92 8.64
N PHE A 139 -7.87 2.31 8.56
CA PHE A 139 -6.77 1.36 8.52
C PHE A 139 -5.52 2.07 9.00
N THR A 140 -4.72 1.38 9.82
CA THR A 140 -3.47 1.94 10.35
C THR A 140 -2.44 0.83 10.44
N GLN A 141 -1.20 1.14 10.06
CA GLN A 141 -0.10 0.19 10.28
C GLN A 141 1.19 0.94 10.56
N ASP A 142 1.92 0.49 11.58
CA ASP A 142 3.19 1.09 11.96
C ASP A 142 4.37 0.37 11.31
N PHE A 143 5.40 1.16 11.00
CA PHE A 143 6.63 0.66 10.38
C PHE A 143 7.84 1.16 11.18
N ALA A 144 8.74 0.24 11.53
CA ALA A 144 10.02 0.62 12.12
C ALA A 144 11.06 0.72 10.99
N SER A 145 11.81 1.81 10.96
CA SER A 145 12.83 2.00 9.92
C SER A 145 13.92 2.91 10.48
N ASN A 146 14.79 3.42 9.60
CA ASN A 146 15.77 4.42 10.04
C ASN A 146 15.07 5.64 10.63
N ILE A 147 13.96 6.05 10.03
CA ILE A 147 13.00 6.96 10.64
C ILE A 147 11.69 6.21 10.65
N ASN A 148 11.07 6.08 11.83
CA ASN A 148 9.83 5.31 11.89
C ASN A 148 8.71 6.07 11.19
N TYR A 149 7.72 5.33 10.70
CA TYR A 149 6.56 5.97 10.09
C TYR A 149 5.34 5.10 10.30
N SER A 150 4.19 5.76 10.26
CA SER A 150 2.89 5.10 10.45
C SER A 150 1.96 5.50 9.32
N TYR A 151 1.29 4.51 8.73
CA TYR A 151 0.46 4.74 7.55
C TYR A 151 -1.00 4.61 7.95
N GLN A 152 -1.81 5.58 7.55
CA GLN A 152 -3.22 5.58 7.93
C GLN A 152 -4.07 5.98 6.73
N ILE A 153 -5.12 5.21 6.47
CA ILE A 153 -6.10 5.56 5.43
C ILE A 153 -7.35 6.10 6.12
N TRP A 154 -7.85 7.23 5.62
CA TRP A 154 -9.05 7.88 6.13
C TRP A 154 -10.11 7.89 5.04
N GLN A 155 -11.36 7.72 5.44
CA GLN A 155 -12.48 7.77 4.50
C GLN A 155 -13.42 8.89 4.91
N LYS A 156 -13.95 9.59 3.91
CA LYS A 156 -14.90 10.68 4.15
C LYS A 156 -16.29 10.11 4.44
N GLY A 157 -16.88 10.56 5.54
CA GLY A 157 -18.23 10.16 5.90
C GLY A 157 -19.12 11.32 6.27
N MET B 1 -1.10 -9.13 20.19
CA MET B 1 -0.51 -9.15 18.86
C MET B 1 -1.58 -9.18 17.79
N LYS B 2 -1.51 -8.21 16.88
CA LYS B 2 -2.37 -8.16 15.72
C LYS B 2 -1.89 -9.12 14.64
N LEU B 3 -2.85 -9.78 13.97
CA LEU B 3 -2.58 -10.60 12.80
C LEU B 3 -3.25 -9.96 11.59
N SER B 4 -2.46 -9.63 10.59
CA SER B 4 -2.95 -9.27 9.27
C SER B 4 -2.78 -10.47 8.35
N LEU B 5 -3.38 -10.37 7.17
CA LEU B 5 -3.25 -11.39 6.14
C LEU B 5 -3.22 -10.66 4.82
N MET B 6 -2.31 -11.07 3.94
CA MET B 6 -2.25 -10.41 2.64
C MET B 6 -2.06 -11.45 1.56
N VAL B 7 -2.86 -11.33 0.49
CA VAL B 7 -2.96 -12.34 -0.56
C VAL B 7 -3.41 -11.66 -1.85
N ALA B 8 -3.07 -12.27 -2.98
CA ALA B 8 -3.60 -11.88 -4.28
C ALA B 8 -4.39 -13.07 -4.81
N ILE B 9 -5.69 -12.87 -5.07
CA ILE B 9 -6.58 -13.97 -5.44
C ILE B 9 -7.10 -13.72 -6.85
N SER B 10 -7.00 -14.73 -7.71
CA SER B 10 -7.52 -14.54 -9.05
C SER B 10 -9.05 -14.69 -9.04
N LYS B 11 -9.67 -14.47 -10.19
CA LYS B 11 -11.12 -14.33 -10.18
C LYS B 11 -11.84 -15.66 -9.97
N ASN B 12 -11.18 -16.79 -10.20
CA ASN B 12 -11.76 -18.10 -9.90
C ASN B 12 -11.33 -18.65 -8.55
N GLY B 13 -10.66 -17.83 -7.72
CA GLY B 13 -10.21 -18.25 -6.40
C GLY B 13 -8.81 -18.86 -6.36
N VAL B 14 -8.18 -19.11 -7.51
CA VAL B 14 -6.86 -19.73 -7.50
C VAL B 14 -5.84 -18.73 -6.98
N ILE B 15 -5.00 -19.18 -6.04
CA ILE B 15 -3.83 -18.40 -5.62
C ILE B 15 -2.52 -19.07 -6.02
N GLY B 16 -2.53 -20.34 -6.42
CA GLY B 16 -1.29 -21.03 -6.72
C GLY B 16 -1.51 -22.18 -7.67
N ASN B 17 -0.45 -22.53 -8.40
CA ASN B 17 -0.41 -23.70 -9.29
C ASN B 17 0.90 -24.43 -8.96
N GLY B 18 0.82 -25.49 -8.15
CA GLY B 18 2.03 -26.10 -7.64
C GLY B 18 2.85 -25.05 -6.91
N PRO B 19 4.10 -24.86 -7.30
CA PRO B 19 4.96 -23.89 -6.59
C PRO B 19 4.88 -22.47 -7.10
N ASP B 20 4.04 -22.19 -8.10
CA ASP B 20 4.03 -20.89 -8.76
C ASP B 20 2.75 -20.12 -8.45
N ILE B 21 2.84 -18.80 -8.50
CA ILE B 21 1.66 -17.95 -8.63
C ILE B 21 1.37 -17.84 -10.12
N PRO B 22 0.21 -18.32 -10.59
CA PRO B 22 0.02 -18.53 -12.03
C PRO B 22 -0.39 -17.27 -12.80
N TRP B 23 0.30 -16.16 -12.54
CA TRP B 23 0.11 -14.91 -13.26
C TRP B 23 1.19 -13.93 -12.82
N SER B 24 1.27 -12.82 -13.56
CA SER B 24 2.15 -11.71 -13.20
C SER B 24 1.36 -10.44 -13.47
N ALA B 25 0.93 -9.75 -12.42
CA ALA B 25 0.17 -8.51 -12.57
C ALA B 25 1.13 -7.39 -12.21
N LYS B 26 1.70 -6.75 -13.24
CA LYS B 26 2.73 -5.75 -12.99
C LYS B 26 2.18 -4.62 -12.14
N GLY B 27 2.90 -4.31 -11.06
CA GLY B 27 2.54 -3.29 -10.10
C GLY B 27 1.94 -3.83 -8.82
N GLU B 28 1.26 -4.98 -8.90
CA GLU B 28 0.58 -5.51 -7.72
C GLU B 28 1.60 -5.87 -6.65
N GLN B 29 2.75 -6.42 -7.07
CA GLN B 29 3.86 -6.72 -6.17
C GLN B 29 4.30 -5.51 -5.34
N LEU B 30 4.05 -4.29 -5.82
CA LEU B 30 4.41 -3.11 -5.03
C LEU B 30 3.56 -3.02 -3.78
N LEU B 31 2.29 -3.41 -3.88
CA LEU B 31 1.43 -3.42 -2.71
C LEU B 31 1.98 -4.35 -1.65
N PHE B 32 2.34 -5.57 -2.05
CA PHE B 32 2.93 -6.55 -1.14
C PHE B 32 4.24 -6.03 -0.53
N LYS B 33 5.13 -5.46 -1.35
CA LYS B 33 6.38 -4.94 -0.79
C LYS B 33 6.12 -3.81 0.20
N ALA B 34 5.18 -2.92 -0.11
CA ALA B 34 4.97 -1.75 0.75
C ALA B 34 4.40 -2.17 2.10
N ILE B 35 3.41 -3.06 2.09
CA ILE B 35 2.72 -3.43 3.32
C ILE B 35 3.60 -4.32 4.19
N THR B 36 4.52 -5.11 3.61
CA THR B 36 5.36 -6.02 4.39
C THR B 36 6.73 -5.44 4.76
N TYR B 37 7.01 -4.18 4.44
CA TYR B 37 8.34 -3.63 4.68
C TYR B 37 8.67 -3.62 6.17
N ASN B 38 9.78 -4.27 6.51
CA ASN B 38 10.26 -4.43 7.89
C ASN B 38 9.19 -5.04 8.81
N GLN B 39 8.38 -5.95 8.28
CA GLN B 39 7.36 -6.63 9.08
C GLN B 39 7.73 -8.10 9.30
N TRP B 40 7.11 -8.70 10.32
CA TRP B 40 7.12 -10.16 10.46
C TRP B 40 6.08 -10.79 9.56
N LEU B 41 6.51 -11.75 8.76
CA LEU B 41 5.63 -12.53 7.89
C LEU B 41 5.56 -13.95 8.42
N LEU B 42 4.34 -14.48 8.55
CA LEU B 42 4.13 -15.88 8.89
C LEU B 42 3.81 -16.63 7.61
N VAL B 43 4.65 -17.62 7.27
CA VAL B 43 4.53 -18.31 6.00
C VAL B 43 4.72 -19.81 6.19
N GLY B 44 4.07 -20.59 5.33
CA GLY B 44 4.35 -22.00 5.26
C GLY B 44 5.68 -22.28 4.58
N ARG B 45 6.19 -23.49 4.79
CA ARG B 45 7.54 -23.76 4.30
C ARG B 45 7.58 -23.72 2.79
N LYS B 46 6.49 -24.11 2.13
CA LYS B 46 6.51 -24.16 0.67
C LYS B 46 6.62 -22.75 0.09
N THR B 47 5.82 -21.83 0.64
CA THR B 47 5.86 -20.43 0.23
C THR B 47 7.21 -19.81 0.55
N PHE B 48 7.75 -20.11 1.73
CA PHE B 48 9.06 -19.57 2.09
C PHE B 48 10.11 -19.96 1.07
N GLU B 49 10.09 -21.22 0.62
CA GLU B 49 11.07 -21.65 -0.38
C GLU B 49 10.84 -20.97 -1.73
N SER B 50 9.57 -20.72 -2.10
CA SER B 50 9.30 -20.05 -3.38
C SER B 50 9.74 -18.59 -3.35
N MET B 51 9.60 -17.93 -2.21
CA MET B 51 9.89 -16.51 -2.14
C MET B 51 11.32 -16.19 -1.71
N GLY B 52 11.95 -17.07 -0.93
CA GLY B 52 13.27 -16.77 -0.39
C GLY B 52 13.20 -15.69 0.67
N ALA B 53 14.30 -15.47 1.39
CA ALA B 53 14.33 -14.43 2.41
C ALA B 53 14.64 -13.09 1.75
N LEU B 54 13.59 -12.50 1.14
CA LEU B 54 13.72 -11.19 0.55
C LEU B 54 14.21 -10.19 1.61
N PRO B 55 14.95 -9.17 1.20
CA PRO B 55 15.52 -8.26 2.19
C PRO B 55 14.42 -7.44 2.85
N ASN B 56 14.75 -6.93 4.05
CA ASN B 56 13.89 -6.03 4.82
C ASN B 56 12.59 -6.70 5.26
N ARG B 57 12.58 -8.02 5.38
CA ARG B 57 11.45 -8.73 5.98
C ARG B 57 12.00 -9.69 7.02
N LYS B 58 11.15 -10.06 7.96
CA LYS B 58 11.46 -11.08 8.95
C LYS B 58 10.45 -12.21 8.78
N TYR B 59 10.92 -13.46 8.86
CA TYR B 59 10.08 -14.59 8.48
C TYR B 59 9.93 -15.57 9.64
N ALA B 60 8.69 -15.89 9.97
CA ALA B 60 8.36 -17.03 10.82
C ALA B 60 7.81 -18.13 9.91
N VAL B 61 8.54 -19.23 9.82
CA VAL B 61 8.24 -20.31 8.89
C VAL B 61 7.83 -21.52 9.70
N VAL B 62 6.77 -22.20 9.27
CA VAL B 62 6.30 -23.40 9.97
C VAL B 62 6.62 -24.62 9.11
N THR B 63 7.09 -25.68 9.77
CA THR B 63 7.43 -26.90 9.08
C THR B 63 7.15 -28.07 10.02
N ARG B 64 6.80 -29.21 9.43
CA ARG B 64 6.71 -30.45 10.19
C ARG B 64 7.96 -31.30 10.05
N SER B 65 8.89 -30.90 9.20
N SER B 65 8.91 -30.89 9.20
CA SER B 65 10.10 -31.64 8.92
CA SER B 65 10.11 -31.63 8.92
C SER B 65 11.29 -31.02 9.66
C SER B 65 11.30 -30.95 9.61
N SER B 66 12.51 -31.32 9.21
CA SER B 66 13.72 -30.78 9.81
C SER B 66 14.22 -29.55 9.09
N PHE B 67 13.33 -28.80 8.42
CA PHE B 67 13.75 -27.67 7.62
C PHE B 67 14.51 -26.66 8.46
N THR B 68 15.59 -26.13 7.90
CA THR B 68 16.41 -25.14 8.59
C THR B 68 16.82 -24.04 7.63
N SER B 69 17.36 -22.98 8.21
CA SER B 69 17.95 -21.87 7.47
C SER B 69 18.75 -21.05 8.46
N ASP B 70 20.01 -20.73 8.15
CA ASP B 70 20.86 -20.00 9.07
C ASP B 70 20.77 -18.49 8.87
N ASN B 71 19.76 -18.01 8.15
CA ASN B 71 19.51 -16.58 8.04
C ASN B 71 18.98 -16.04 9.36
N GLU B 72 19.61 -14.99 9.88
CA GLU B 72 19.23 -14.48 11.18
C GLU B 72 17.86 -13.83 11.19
N ASN B 73 17.29 -13.52 10.03
CA ASN B 73 15.95 -12.93 9.97
C ASN B 73 14.86 -13.98 9.76
N VAL B 74 15.18 -15.26 9.92
CA VAL B 74 14.25 -16.36 9.71
C VAL B 74 14.20 -17.18 11.00
N LEU B 75 13.00 -17.34 11.54
CA LEU B 75 12.75 -18.25 12.66
C LEU B 75 11.85 -19.38 12.19
N ILE B 76 12.21 -20.60 12.54
CA ILE B 76 11.51 -21.79 12.08
C ILE B 76 10.83 -22.45 13.27
N PHE B 77 9.54 -22.75 13.12
CA PHE B 77 8.73 -23.34 14.17
C PHE B 77 8.10 -24.65 13.73
N PRO B 78 7.91 -25.59 14.66
CA PRO B 78 7.34 -26.90 14.31
C PRO B 78 5.82 -26.92 14.31
N SER B 79 5.17 -25.84 14.71
CA SER B 79 3.73 -25.75 14.63
C SER B 79 3.34 -24.28 14.53
N ILE B 80 2.09 -24.04 14.11
CA ILE B 80 1.54 -22.69 14.11
C ILE B 80 1.31 -22.19 15.53
N LYS B 81 0.88 -23.09 16.42
CA LYS B 81 0.71 -22.70 17.82
C LYS B 81 2.02 -22.18 18.39
N ASP B 82 3.12 -22.89 18.15
CA ASP B 82 4.43 -22.45 18.64
C ASP B 82 4.85 -21.15 17.98
N ALA B 83 4.61 -21.01 16.67
CA ALA B 83 4.95 -19.76 15.99
C ALA B 83 4.25 -18.58 16.64
N LEU B 84 2.94 -18.69 16.87
CA LEU B 84 2.21 -17.56 17.39
C LEU B 84 2.59 -17.26 18.84
N THR B 85 2.82 -18.31 19.63
CA THR B 85 3.25 -18.12 21.02
C THR B 85 4.56 -17.34 21.06
N ASN B 86 5.52 -17.73 20.22
CA ASN B 86 6.81 -17.07 20.23
C ASN B 86 6.73 -15.68 19.62
N LEU B 87 5.96 -15.52 18.54
CA LEU B 87 5.88 -14.22 17.90
C LEU B 87 5.32 -13.17 18.85
N LYS B 88 4.35 -13.54 19.70
CA LYS B 88 3.77 -12.45 20.47
C LYS B 88 4.69 -11.95 21.58
N LYS B 89 5.79 -12.65 21.83
CA LYS B 89 6.81 -12.13 22.75
C LYS B 89 7.70 -11.08 22.09
N ILE B 90 7.80 -11.07 20.76
CA ILE B 90 8.80 -10.29 20.05
C ILE B 90 8.22 -9.23 19.13
N THR B 91 6.93 -9.27 18.81
CA THR B 91 6.35 -8.25 17.94
C THR B 91 4.88 -8.07 18.27
N ASP B 92 4.36 -6.90 17.90
CA ASP B 92 2.95 -6.59 18.06
C ASP B 92 2.16 -6.80 16.77
N HIS B 93 2.80 -7.30 15.71
CA HIS B 93 2.09 -7.41 14.44
C HIS B 93 2.75 -8.45 13.56
N VAL B 94 1.95 -9.36 13.00
CA VAL B 94 2.42 -10.38 12.07
C VAL B 94 1.49 -10.38 10.88
N ILE B 95 2.06 -10.53 9.69
CA ILE B 95 1.27 -10.59 8.46
C ILE B 95 1.34 -12.01 7.93
N VAL B 96 0.20 -12.68 7.95
CA VAL B 96 0.09 -14.01 7.38
C VAL B 96 0.18 -13.88 5.86
N SER B 97 1.18 -14.52 5.26
CA SER B 97 1.53 -14.25 3.86
C SER B 97 1.52 -15.50 2.98
N GLY B 98 0.92 -16.60 3.41
CA GLY B 98 0.67 -17.75 2.56
C GLY B 98 1.44 -18.98 3.02
N GLY B 99 1.17 -20.11 2.36
CA GLY B 99 0.26 -20.19 1.23
C GLY B 99 -1.11 -20.72 1.59
N GLY B 100 -1.67 -21.58 0.73
CA GLY B 100 -3.04 -22.01 0.92
C GLY B 100 -3.27 -22.66 2.28
N GLU B 101 -2.35 -23.54 2.69
CA GLU B 101 -2.49 -24.23 3.96
C GLU B 101 -2.48 -23.25 5.12
N ILE B 102 -1.52 -22.33 5.10
CA ILE B 102 -1.41 -21.37 6.20
C ILE B 102 -2.61 -20.42 6.20
N TYR B 103 -3.05 -19.95 5.03
CA TYR B 103 -4.25 -19.12 4.99
C TYR B 103 -5.44 -19.86 5.58
N LYS B 104 -5.61 -21.14 5.22
CA LYS B 104 -6.77 -21.86 5.71
C LYS B 104 -6.70 -22.07 7.22
N SER B 105 -5.50 -22.25 7.76
CA SER B 105 -5.34 -22.45 9.19
C SER B 105 -5.67 -21.19 9.98
N LEU B 106 -5.33 -20.01 9.43
CA LEU B 106 -5.32 -18.80 10.23
C LEU B 106 -6.39 -17.78 9.86
N ILE B 107 -7.18 -18.02 8.81
CA ILE B 107 -8.17 -17.06 8.36
C ILE B 107 -9.15 -16.70 9.47
N ASP B 108 -9.46 -17.65 10.34
CA ASP B 108 -10.43 -17.37 11.40
C ASP B 108 -9.81 -16.65 12.59
N GLN B 109 -8.51 -16.35 12.53
CA GLN B 109 -7.81 -15.68 13.61
C GLN B 109 -7.33 -14.28 13.26
N VAL B 110 -7.34 -13.90 11.98
CA VAL B 110 -6.70 -12.65 11.58
C VAL B 110 -7.67 -11.49 11.74
N ASP B 111 -7.10 -10.29 11.85
CA ASP B 111 -7.83 -9.07 12.17
C ASP B 111 -8.07 -8.19 10.95
N THR B 112 -7.15 -8.20 9.98
CA THR B 112 -7.20 -7.32 8.83
C THR B 112 -6.81 -8.13 7.60
N LEU B 113 -7.57 -7.99 6.51
CA LEU B 113 -7.28 -8.65 5.25
C LEU B 113 -6.88 -7.62 4.21
N HIS B 114 -5.78 -7.91 3.51
CA HIS B 114 -5.36 -7.18 2.31
C HIS B 114 -5.54 -8.15 1.15
N ILE B 115 -6.54 -7.91 0.31
CA ILE B 115 -6.86 -8.81 -0.79
C ILE B 115 -6.76 -8.05 -2.10
N SER B 116 -5.90 -8.51 -2.97
CA SER B 116 -5.81 -7.99 -4.33
C SER B 116 -6.49 -8.99 -5.23
N THR B 117 -7.60 -8.60 -5.85
CA THR B 117 -8.30 -9.47 -6.76
C THR B 117 -7.71 -9.28 -8.15
N ILE B 118 -7.21 -10.36 -8.74
CA ILE B 118 -6.47 -10.33 -9.99
C ILE B 118 -7.41 -10.75 -11.12
N ASP B 119 -7.50 -9.90 -12.16
CA ASP B 119 -8.47 -10.09 -13.26
C ASP B 119 -7.99 -11.16 -14.25
N ILE B 120 -7.92 -12.39 -13.76
CA ILE B 120 -7.48 -13.53 -14.56
C ILE B 120 -8.13 -14.78 -13.97
N GLU B 121 -8.29 -15.81 -14.81
CA GLU B 121 -8.81 -17.11 -14.39
C GLU B 121 -7.79 -18.15 -14.81
N PRO B 122 -6.76 -18.38 -14.02
CA PRO B 122 -5.66 -19.24 -14.43
C PRO B 122 -5.91 -20.70 -14.03
N GLU B 123 -5.05 -21.57 -14.54
CA GLU B 123 -4.94 -22.93 -14.05
C GLU B 123 -4.29 -22.93 -12.66
N GLY B 124 -4.70 -23.86 -11.82
CA GLY B 124 -4.08 -23.95 -10.51
C GLY B 124 -4.80 -24.94 -9.62
N ASP B 125 -4.13 -25.27 -8.51
CA ASP B 125 -4.64 -26.25 -7.58
C ASP B 125 -4.55 -25.79 -6.13
N VAL B 126 -4.22 -24.52 -5.89
CA VAL B 126 -4.22 -23.94 -4.55
C VAL B 126 -5.22 -22.80 -4.54
N TYR B 127 -6.14 -22.82 -3.57
CA TYR B 127 -7.24 -21.87 -3.50
C TYR B 127 -7.23 -21.14 -2.17
N PHE B 128 -7.80 -19.93 -2.16
CA PHE B 128 -7.97 -19.19 -0.91
C PHE B 128 -9.19 -19.72 -0.14
N PRO B 129 -9.14 -19.76 1.20
CA PRO B 129 -10.30 -20.25 1.97
C PRO B 129 -11.48 -19.30 1.89
N GLU B 130 -12.64 -19.78 2.37
CA GLU B 130 -13.79 -18.90 2.44
C GLU B 130 -13.51 -17.83 3.50
N ILE B 131 -14.05 -16.64 3.27
CA ILE B 131 -13.80 -15.51 4.16
C ILE B 131 -14.92 -15.46 5.19
N PRO B 132 -14.59 -15.42 6.48
CA PRO B 132 -15.63 -15.37 7.52
C PRO B 132 -16.56 -14.18 7.31
N SER B 133 -17.83 -14.38 7.65
CA SER B 133 -18.84 -13.37 7.38
C SER B 133 -18.61 -12.06 8.13
N ASN B 134 -17.80 -12.07 9.19
CA ASN B 134 -17.64 -10.86 10.01
C ASN B 134 -16.60 -9.89 9.49
N PHE B 135 -16.01 -10.15 8.32
CA PHE B 135 -15.13 -9.17 7.68
C PHE B 135 -15.94 -8.26 6.77
N ARG B 136 -15.51 -6.99 6.70
CA ARG B 136 -16.16 -5.98 5.86
C ARG B 136 -15.07 -5.18 5.17
N PRO B 137 -15.24 -4.86 3.88
CA PRO B 137 -14.27 -4.00 3.20
C PRO B 137 -14.37 -2.56 3.66
N VAL B 138 -13.21 -1.93 3.86
CA VAL B 138 -13.16 -0.54 4.29
C VAL B 138 -12.41 0.34 3.30
N PHE B 139 -11.76 -0.22 2.29
CA PHE B 139 -10.99 0.53 1.32
C PHE B 139 -10.90 -0.27 0.03
N THR B 140 -11.04 0.40 -1.11
CA THR B 140 -10.93 -0.25 -2.41
C THR B 140 -10.20 0.67 -3.37
N GLN B 141 -9.28 0.11 -4.16
CA GLN B 141 -8.68 0.90 -5.24
C GLN B 141 -8.38 0.00 -6.43
N ASP B 142 -8.79 0.45 -7.62
CA ASP B 142 -8.61 -0.29 -8.85
C ASP B 142 -7.33 0.14 -9.58
N PHE B 143 -6.69 -0.84 -10.24
CA PHE B 143 -5.48 -0.61 -11.01
C PHE B 143 -5.64 -1.23 -12.40
N ALA B 144 -5.33 -0.46 -13.43
CA ALA B 144 -5.19 -1.01 -14.78
C ALA B 144 -3.74 -1.39 -15.02
N SER B 145 -3.51 -2.58 -15.55
CA SER B 145 -2.15 -3.07 -15.81
C SER B 145 -2.22 -4.14 -16.89
N ASN B 146 -1.12 -4.87 -17.08
CA ASN B 146 -1.13 -5.96 -18.06
C ASN B 146 -2.20 -6.98 -17.71
N ILE B 147 -2.40 -7.22 -16.41
CA ILE B 147 -3.59 -7.85 -15.85
C ILE B 147 -4.12 -6.86 -14.83
N ASN B 148 -5.39 -6.47 -14.96
CA ASN B 148 -5.95 -5.53 -14.00
C ASN B 148 -6.03 -6.18 -12.62
N TYR B 149 -6.00 -5.34 -11.58
CA TYR B 149 -6.17 -5.85 -10.22
C TYR B 149 -6.87 -4.79 -9.38
N SER B 150 -7.53 -5.24 -8.33
CA SER B 150 -8.26 -4.34 -7.44
C SER B 150 -7.84 -4.67 -6.01
N TYR B 151 -7.44 -3.65 -5.27
CA TYR B 151 -6.88 -3.81 -3.93
C TYR B 151 -7.93 -3.42 -2.90
N GLN B 152 -8.20 -4.32 -1.96
CA GLN B 152 -9.25 -4.08 -0.98
C GLN B 152 -8.75 -4.45 0.41
N ILE B 153 -9.00 -3.59 1.39
CA ILE B 153 -8.66 -3.86 2.79
C ILE B 153 -9.95 -4.17 3.54
N TRP B 154 -9.97 -5.29 4.25
CA TRP B 154 -11.12 -5.73 5.03
C TRP B 154 -10.78 -5.68 6.51
N GLN B 155 -11.76 -5.28 7.33
CA GLN B 155 -11.58 -5.25 8.78
C GLN B 155 -12.57 -6.19 9.45
N LYS B 156 -12.12 -6.86 10.51
CA LYS B 156 -12.93 -7.80 11.27
C LYS B 156 -13.82 -7.04 12.25
N GLY B 157 -15.10 -7.41 12.30
CA GLY B 157 -16.06 -6.69 13.11
C GLY B 157 -16.46 -5.36 12.47
#